data_3GFO
#
_entry.id   3GFO
#
_cell.length_a   113.701
_cell.length_b   57.578
_cell.length_c   41.245
_cell.angle_alpha   90.000
_cell.angle_beta   103.390
_cell.angle_gamma   90.000
#
_symmetry.space_group_name_H-M   'C 1 2 1'
#
loop_
_entity.id
_entity.type
_entity.pdbx_description
1 polymer 'Cobalt import ATP-binding protein cbiO 1'
2 non-polymer 'SULFATE ION'
3 water water
#
_entity_poly.entity_id   1
_entity_poly.type   'polypeptide(L)'
_entity_poly.pdbx_seq_one_letter_code
;MSLEDYILKVEELNYNYSDGTHALKGINMNIKRGEVTAILGGNGVGKSTLFQNFNGILKPSSGRILFDNKPIDYSRKGIM
KLRESIGIVFQDPDNQLFSASVYQDVSFGAVNMKLPEDEIRKRVDNALKRTGIEHLKDKPTHCLSFGQKKRVAIAGVLVM
EPKVLILDEPTAGLDPMGVSEIMKLLVEMQKELGITIIIATHDIDIVPLYCDNVFVMKEGRVILQGNPKEVFAEKEVIRK
VNLRLPRIGHLMEILKEKDGFVFDELDEGHHHHHH
;
_entity_poly.pdbx_strand_id   A
#
loop_
_chem_comp.id
_chem_comp.type
_chem_comp.name
_chem_comp.formula
SO4 non-polymer 'SULFATE ION' 'O4 S -2'
#
# COMPACT_ATOMS: atom_id res chain seq x y z
N GLU A 4 -14.32 -1.23 -14.82
CA GLU A 4 -14.42 -1.65 -13.39
C GLU A 4 -13.33 -2.67 -13.00
N ASP A 5 -12.61 -3.20 -14.00
CA ASP A 5 -11.47 -4.11 -13.76
C ASP A 5 -10.29 -3.32 -13.14
N TYR A 6 -9.87 -2.24 -13.80
CA TYR A 6 -8.63 -1.55 -13.37
C TYR A 6 -8.85 -0.22 -12.66
N ILE A 7 -8.44 -0.19 -11.41
CA ILE A 7 -8.46 1.05 -10.64
C ILE A 7 -7.32 2.06 -11.08
N LEU A 8 -6.20 1.55 -11.60
CA LEU A 8 -5.16 2.37 -12.26
C LEU A 8 -4.66 1.69 -13.52
N LYS A 9 -4.61 2.44 -14.62
CA LYS A 9 -3.89 2.01 -15.80
C LYS A 9 -2.85 3.06 -16.05
N VAL A 10 -1.60 2.61 -16.11
CA VAL A 10 -0.47 3.45 -16.47
C VAL A 10 -0.13 3.12 -17.92
N GLU A 11 -0.28 4.10 -18.81
CA GLU A 11 -0.07 3.86 -20.23
C GLU A 11 1.15 4.61 -20.74
N GLU A 12 2.13 3.87 -21.25
CA GLU A 12 3.43 4.43 -21.74
C GLU A 12 3.95 5.64 -20.93
N LEU A 13 4.07 5.46 -19.63
CA LEU A 13 4.46 6.56 -18.77
C LEU A 13 5.95 6.79 -18.76
N ASN A 14 6.30 8.05 -18.93
CA ASN A 14 7.67 8.50 -18.74
C ASN A 14 7.72 9.63 -17.73
N TYR A 15 8.74 9.58 -16.89
CA TYR A 15 8.98 10.70 -16.04
C TYR A 15 10.44 11.13 -16.02
N ASN A 16 10.66 12.41 -16.23
CA ASN A 16 11.97 13.03 -16.11
C ASN A 16 11.87 14.15 -15.08
N TYR A 17 12.82 14.19 -14.15
CA TYR A 17 12.92 15.32 -13.23
C TYR A 17 13.20 16.61 -14.00
N SER A 18 12.94 17.73 -13.35
CA SER A 18 13.07 19.04 -13.99
C SER A 18 14.54 19.36 -14.34
N ASP A 19 15.48 18.72 -13.66
CA ASP A 19 16.90 18.82 -14.04
C ASP A 19 17.23 18.02 -15.34
N GLY A 20 16.28 17.22 -15.84
CA GLY A 20 16.49 16.42 -17.05
C GLY A 20 16.77 14.92 -16.82
N THR A 21 16.99 14.52 -15.56
CA THR A 21 17.12 13.12 -15.19
C THR A 21 15.89 12.26 -15.58
N HIS A 22 16.10 11.29 -16.48
CA HIS A 22 15.09 10.31 -16.92
C HIS A 22 14.85 9.26 -15.83
N ALA A 23 13.75 9.34 -15.11
CA ALA A 23 13.54 8.43 -13.97
C ALA A 23 12.69 7.19 -14.32
N LEU A 24 11.60 7.37 -15.05
CA LEU A 24 10.73 6.25 -15.45
C LEU A 24 10.62 6.19 -16.95
N LYS A 25 10.73 4.99 -17.49
CA LYS A 25 10.73 4.80 -18.93
C LYS A 25 9.68 3.79 -19.41
N GLY A 26 8.89 4.20 -20.40
CA GLY A 26 7.83 3.37 -21.00
C GLY A 26 7.12 2.40 -20.06
N ILE A 27 6.65 2.92 -18.94
CA ILE A 27 5.95 2.11 -17.96
C ILE A 27 4.49 1.87 -18.33
N ASN A 28 4.17 0.58 -18.47
CA ASN A 28 2.81 0.07 -18.66
C ASN A 28 2.42 -0.87 -17.53
N MET A 29 1.37 -0.52 -16.80
CA MET A 29 1.05 -1.18 -15.56
C MET A 29 -0.45 -1.16 -15.42
N ASN A 30 -1.07 -2.33 -15.30
CA ASN A 30 -2.51 -2.40 -15.12
C ASN A 30 -2.83 -2.98 -13.76
N ILE A 31 -3.36 -2.15 -12.86
CA ILE A 31 -3.63 -2.55 -11.49
C ILE A 31 -5.11 -2.82 -11.23
N LYS A 32 -5.41 -4.07 -10.86
CA LYS A 32 -6.79 -4.50 -10.77
C LYS A 32 -7.44 -4.01 -9.50
N ARG A 33 -8.70 -3.61 -9.63
CA ARG A 33 -9.55 -3.25 -8.51
C ARG A 33 -9.69 -4.43 -7.58
N GLY A 34 -9.66 -4.17 -6.27
CA GLY A 34 -9.90 -5.21 -5.26
C GLY A 34 -8.90 -6.36 -5.19
N GLU A 35 -7.70 -6.17 -5.73
CA GLU A 35 -6.58 -7.09 -5.56
C GLU A 35 -5.50 -6.47 -4.66
N VAL A 36 -4.59 -7.32 -4.20
CA VAL A 36 -3.35 -6.85 -3.60
C VAL A 36 -2.25 -6.96 -4.62
N THR A 37 -1.69 -5.80 -4.97
CA THR A 37 -0.61 -5.69 -5.91
C THR A 37 0.61 -5.11 -5.16
N ALA A 38 1.79 -5.64 -5.46
CA ALA A 38 3.02 -5.07 -4.97
C ALA A 38 3.98 -4.69 -6.10
N ILE A 39 4.73 -3.61 -5.84
CA ILE A 39 5.79 -3.14 -6.70
C ILE A 39 7.10 -3.35 -5.95
N LEU A 40 7.98 -4.15 -6.55
CA LEU A 40 9.11 -4.73 -5.88
C LEU A 40 10.41 -4.27 -6.50
N GLY A 41 11.44 -4.19 -5.68
CA GLY A 41 12.75 -3.77 -6.14
C GLY A 41 13.47 -3.12 -5.01
N GLY A 42 14.80 -3.17 -5.07
CA GLY A 42 15.61 -2.47 -4.10
C GLY A 42 15.55 -0.99 -4.40
N ASN A 43 16.10 -0.22 -3.46
CA ASN A 43 16.29 1.22 -3.62
C ASN A 43 16.81 1.65 -4.99
N GLY A 44 16.45 2.86 -5.43
CA GLY A 44 17.01 3.44 -6.66
C GLY A 44 16.33 2.92 -7.89
N VAL A 45 15.34 2.06 -7.68
CA VAL A 45 14.66 1.38 -8.75
C VAL A 45 13.54 2.28 -9.33
N GLY A 46 13.00 3.17 -8.50
CA GLY A 46 12.07 4.20 -8.98
C GLY A 46 10.66 4.10 -8.43
N LYS A 47 10.49 3.29 -7.39
CA LYS A 47 9.19 3.07 -6.71
C LYS A 47 8.57 4.36 -6.20
N SER A 48 9.34 5.20 -5.52
CA SER A 48 8.74 6.46 -5.07
C SER A 48 8.35 7.38 -6.20
N THR A 49 9.11 7.38 -7.30
CA THR A 49 8.77 8.20 -8.44
C THR A 49 7.45 7.71 -9.04
N LEU A 50 7.27 6.40 -9.13
CA LEU A 50 6.04 5.86 -9.66
C LEU A 50 4.83 6.23 -8.79
N PHE A 51 4.96 6.01 -7.48
CA PHE A 51 3.90 6.29 -6.50
C PHE A 51 3.52 7.77 -6.40
N GLN A 52 4.47 8.66 -6.65
CA GLN A 52 4.17 10.09 -6.64
C GLN A 52 3.34 10.50 -7.84
N ASN A 53 3.54 9.83 -8.98
CA ASN A 53 2.65 10.00 -10.10
C ASN A 53 1.23 9.55 -9.76
N PHE A 54 1.07 8.41 -9.06
CA PHE A 54 -0.25 7.85 -8.77
C PHE A 54 -1.14 8.86 -8.07
N ASN A 55 -0.60 9.55 -7.06
CA ASN A 55 -1.39 10.50 -6.29
C ASN A 55 -1.15 11.96 -6.71
N GLY A 56 -0.57 12.14 -7.88
CA GLY A 56 -0.54 13.44 -8.51
C GLY A 56 0.53 14.40 -8.05
N ILE A 57 1.33 14.05 -7.06
CA ILE A 57 2.36 15.00 -6.67
C ILE A 57 3.33 15.24 -7.85
N LEU A 58 3.58 14.22 -8.66
CA LEU A 58 4.27 14.39 -9.94
C LEU A 58 3.30 14.19 -11.10
N LYS A 59 3.63 14.80 -12.23
CA LYS A 59 2.87 14.68 -13.46
C LYS A 59 3.76 14.09 -14.57
N PRO A 60 3.25 13.11 -15.31
CA PRO A 60 4.10 12.41 -16.29
C PRO A 60 4.59 13.32 -17.38
N SER A 61 5.82 13.11 -17.83
CA SER A 61 6.37 13.93 -18.89
C SER A 61 5.73 13.52 -20.21
N SER A 62 5.57 12.22 -20.38
CA SER A 62 4.91 11.64 -21.55
C SER A 62 4.00 10.49 -21.08
N GLY A 63 2.96 10.17 -21.84
CA GLY A 63 2.03 9.09 -21.48
C GLY A 63 1.05 9.50 -20.41
N ARG A 64 0.26 8.56 -19.89
CA ARG A 64 -0.79 8.92 -18.95
C ARG A 64 -1.20 7.84 -17.94
N ILE A 65 -1.97 8.28 -16.95
CA ILE A 65 -2.55 7.41 -15.95
C ILE A 65 -4.06 7.53 -15.93
N LEU A 66 -4.77 6.41 -16.08
CA LEU A 66 -6.21 6.42 -15.79
C LEU A 66 -6.48 5.92 -14.38
N PHE A 67 -7.10 6.78 -13.57
CA PHE A 67 -7.52 6.43 -12.24
C PHE A 67 -9.03 6.28 -12.17
N ASP A 68 -9.50 5.07 -11.88
CA ASP A 68 -10.94 4.79 -11.75
C ASP A 68 -11.57 5.05 -13.09
N ASN A 69 -10.95 4.50 -14.12
CA ASN A 69 -11.43 4.56 -15.50
C ASN A 69 -11.38 5.93 -16.19
N LYS A 70 -10.76 6.91 -15.56
CA LYS A 70 -10.81 8.29 -16.06
C LYS A 70 -9.44 8.95 -15.98
N PRO A 71 -9.15 9.88 -16.93
CA PRO A 71 -7.92 10.66 -16.81
C PRO A 71 -7.88 11.36 -15.49
N ILE A 72 -6.68 11.65 -15.03
CA ILE A 72 -6.54 12.44 -13.83
C ILE A 72 -6.74 13.89 -14.24
N ASP A 73 -7.48 14.64 -13.43
CA ASP A 73 -7.62 16.07 -13.57
C ASP A 73 -6.56 16.80 -12.70
N TYR A 74 -5.55 17.39 -13.37
CA TYR A 74 -4.41 18.04 -12.73
C TYR A 74 -4.62 19.47 -12.22
N SER A 75 -5.85 19.99 -12.30
CA SER A 75 -6.15 21.25 -11.68
C SER A 75 -6.12 21.04 -10.17
N ARG A 76 -6.19 22.13 -9.43
CA ARG A 76 -6.08 22.07 -7.98
C ARG A 76 -7.24 21.25 -7.40
N LYS A 77 -8.44 21.54 -7.87
CA LYS A 77 -9.63 20.78 -7.48
C LYS A 77 -9.54 19.29 -7.81
N GLY A 78 -9.04 18.99 -9.00
CA GLY A 78 -8.92 17.62 -9.49
C GLY A 78 -7.92 16.81 -8.70
N ILE A 79 -6.84 17.46 -8.25
CA ILE A 79 -5.84 16.81 -7.45
C ILE A 79 -6.39 16.51 -6.04
N MET A 80 -7.03 17.53 -5.44
CA MET A 80 -7.80 17.36 -4.20
C MET A 80 -8.78 16.17 -4.26
N LYS A 81 -9.50 16.03 -5.37
CA LYS A 81 -10.47 14.95 -5.51
C LYS A 81 -9.75 13.60 -5.55
N LEU A 82 -8.61 13.56 -6.23
CA LEU A 82 -7.89 12.33 -6.48
C LEU A 82 -7.30 11.82 -5.17
N ARG A 83 -6.82 12.74 -4.35
CA ARG A 83 -6.21 12.38 -3.09
C ARG A 83 -7.19 11.92 -2.04
N GLU A 84 -8.47 12.24 -2.21
CA GLU A 84 -9.52 11.73 -1.33
C GLU A 84 -9.80 10.28 -1.67
N SER A 85 -9.54 9.92 -2.91
CA SER A 85 -9.70 8.55 -3.34
C SER A 85 -8.52 7.64 -2.97
N ILE A 86 -7.42 8.23 -2.48
CA ILE A 86 -6.15 7.50 -2.31
C ILE A 86 -5.45 7.71 -0.95
N GLY A 87 -5.46 6.71 -0.09
CA GLY A 87 -4.87 6.81 1.24
C GLY A 87 -3.45 6.30 1.28
N ILE A 88 -2.57 7.01 2.00
CA ILE A 88 -1.16 6.67 2.06
C ILE A 88 -0.79 6.28 3.48
N VAL A 89 -0.18 5.10 3.61
CA VAL A 89 0.40 4.69 4.87
C VAL A 89 1.92 4.78 4.75
N PHE A 90 2.50 5.60 5.62
CA PHE A 90 3.92 5.90 5.58
C PHE A 90 4.69 4.74 6.17
N GLN A 91 5.97 4.71 5.86
CA GLN A 91 6.89 3.73 6.41
C GLN A 91 7.01 3.86 7.94
N ASP A 92 7.26 5.07 8.41
CA ASP A 92 7.28 5.35 9.84
C ASP A 92 6.00 6.10 10.23
N PRO A 93 5.12 5.43 11.01
CA PRO A 93 3.82 5.97 11.43
C PRO A 93 3.95 7.27 12.21
N ASP A 94 5.06 7.46 12.93
CA ASP A 94 5.37 8.73 13.62
C ASP A 94 5.30 9.92 12.69
N ASN A 95 5.58 9.69 11.43
CA ASN A 95 5.55 10.75 10.44
C ASN A 95 4.11 11.13 10.06
N GLN A 96 3.14 10.36 10.53
CA GLN A 96 1.74 10.51 10.11
C GLN A 96 0.83 10.80 11.30
N LEU A 97 1.19 10.31 12.48
CA LEU A 97 0.34 10.40 13.66
C LEU A 97 0.54 11.64 14.51
N PHE A 98 -0.54 12.11 15.11
CA PHE A 98 -0.47 13.19 16.10
C PHE A 98 -0.23 12.57 17.46
N SER A 99 0.32 13.35 18.38
CA SER A 99 0.37 12.92 19.75
C SER A 99 -1.00 13.31 20.32
N ALA A 100 -1.83 12.30 20.57
CA ALA A 100 -3.18 12.46 21.11
C ALA A 100 -3.57 11.03 21.46
N SER A 101 -4.83 10.81 21.85
CA SER A 101 -5.29 9.45 22.06
C SER A 101 -5.54 8.84 20.67
N VAL A 102 -5.51 7.50 20.60
CA VAL A 102 -5.80 6.79 19.37
C VAL A 102 -7.13 7.23 18.78
N TYR A 103 -8.17 7.32 19.63
CA TYR A 103 -9.49 7.83 19.18
C TYR A 103 -9.49 9.28 18.66
N GLN A 104 -8.72 10.18 19.26
CA GLN A 104 -8.72 11.56 18.77
C GLN A 104 -8.01 11.63 17.42
N ASP A 105 -6.90 10.91 17.30
CA ASP A 105 -6.13 10.94 16.08
C ASP A 105 -6.94 10.34 14.92
N VAL A 106 -7.39 9.10 15.08
CA VAL A 106 -8.14 8.42 14.03
C VAL A 106 -9.39 9.19 13.59
N SER A 107 -10.07 9.84 14.54
CA SER A 107 -11.31 10.59 14.26
C SER A 107 -11.06 12.03 13.81
N PHE A 108 -9.80 12.44 13.78
CA PHE A 108 -9.47 13.78 13.36
C PHE A 108 -9.96 14.02 11.93
N GLY A 109 -9.82 13.01 11.08
CA GLY A 109 -10.25 13.07 9.68
C GLY A 109 -11.73 13.32 9.47
N ALA A 110 -12.59 12.55 10.15
CA ALA A 110 -14.04 12.68 9.96
C ALA A 110 -14.58 13.99 10.52
N VAL A 111 -14.03 14.37 11.68
CA VAL A 111 -14.52 15.51 12.46
C VAL A 111 -14.65 16.82 11.65
N ASN A 112 -13.90 16.93 10.56
CA ASN A 112 -13.93 18.14 9.74
C ASN A 112 -14.55 17.96 8.36
N MET A 113 -15.51 17.04 8.28
CA MET A 113 -16.23 16.77 7.05
C MET A 113 -17.73 16.97 7.27
N LYS A 114 -18.06 17.51 8.45
CA LYS A 114 -19.45 17.74 8.86
C LYS A 114 -20.40 16.55 8.55
N LEU A 115 -20.21 15.46 9.29
CA LEU A 115 -21.12 14.31 9.24
C LEU A 115 -21.98 14.33 10.50
N PRO A 116 -23.14 13.63 10.49
CA PRO A 116 -23.87 13.43 11.76
C PRO A 116 -22.96 12.73 12.75
N GLU A 117 -23.01 13.12 14.03
CA GLU A 117 -22.12 12.59 15.04
C GLU A 117 -22.12 11.06 15.03
N ASP A 118 -23.31 10.48 15.07
CA ASP A 118 -23.45 9.05 15.07
C ASP A 118 -22.91 8.37 13.80
N GLU A 119 -22.67 9.14 12.75
CA GLU A 119 -22.00 8.60 11.57
C GLU A 119 -20.49 8.66 11.71
N ILE A 120 -19.99 9.69 12.39
CA ILE A 120 -18.61 9.71 12.83
C ILE A 120 -18.36 8.52 13.77
N ARG A 121 -19.26 8.29 14.73
CA ARG A 121 -19.11 7.18 15.69
C ARG A 121 -18.94 5.85 14.98
N LYS A 122 -19.83 5.54 14.02
CA LYS A 122 -19.77 4.28 13.28
C LYS A 122 -18.49 4.15 12.47
N ARG A 123 -18.21 5.15 11.64
CA ARG A 123 -16.98 5.22 10.88
C ARG A 123 -15.72 4.98 11.72
N VAL A 124 -15.57 5.67 12.85
CA VAL A 124 -14.34 5.51 13.63
C VAL A 124 -14.25 4.18 14.35
N ASP A 125 -15.34 3.76 14.97
CA ASP A 125 -15.40 2.43 15.60
C ASP A 125 -15.19 1.31 14.56
N ASN A 126 -15.79 1.44 13.39
CA ASN A 126 -15.60 0.40 12.36
C ASN A 126 -14.13 0.40 11.93
N ALA A 127 -13.56 1.60 11.75
CA ALA A 127 -12.15 1.74 11.46
C ALA A 127 -11.24 1.07 12.48
N LEU A 128 -11.56 1.19 13.77
CA LEU A 128 -10.73 0.57 14.82
C LEU A 128 -10.91 -0.95 14.93
N LYS A 129 -12.14 -1.43 14.73
CA LYS A 129 -12.38 -2.86 14.67
C LYS A 129 -11.68 -3.45 13.45
N ARG A 130 -11.81 -2.78 12.31
CA ARG A 130 -11.23 -3.24 11.06
C ARG A 130 -9.69 -3.27 11.06
N THR A 131 -9.06 -2.60 12.03
CA THR A 131 -7.60 -2.63 12.12
C THR A 131 -7.16 -3.37 13.37
N GLY A 132 -8.12 -3.93 14.11
CA GLY A 132 -7.85 -4.76 15.29
C GLY A 132 -7.46 -4.01 16.56
N ILE A 133 -7.80 -2.71 16.64
CA ILE A 133 -7.31 -1.85 17.73
C ILE A 133 -8.37 -1.18 18.61
N GLU A 134 -9.57 -1.78 18.66
CA GLU A 134 -10.63 -1.30 19.54
C GLU A 134 -10.14 -1.11 20.97
N HIS A 135 -9.47 -2.13 21.49
CA HIS A 135 -8.90 -2.09 22.85
C HIS A 135 -7.95 -0.91 23.14
N LEU A 136 -7.54 -0.15 22.13
CA LEU A 136 -6.57 0.95 22.33
C LEU A 136 -7.19 2.35 22.11
N LYS A 137 -8.50 2.38 21.92
CA LYS A 137 -9.30 3.59 21.76
C LYS A 137 -8.85 4.81 22.59
N ASP A 138 -8.52 4.60 23.86
CA ASP A 138 -8.18 5.70 24.77
C ASP A 138 -6.70 5.80 25.11
N LYS A 139 -5.90 4.95 24.49
CA LYS A 139 -4.46 4.97 24.76
C LYS A 139 -3.76 6.11 24.01
N PRO A 140 -2.78 6.74 24.65
CA PRO A 140 -2.04 7.79 23.93
C PRO A 140 -1.25 7.12 22.82
N THR A 141 -1.21 7.73 21.64
CA THR A 141 -0.44 7.16 20.54
C THR A 141 1.01 6.93 20.98
N HIS A 142 1.63 7.94 21.60
CA HIS A 142 3.04 7.83 22.05
C HIS A 142 3.40 6.60 22.88
N CYS A 143 2.39 5.89 23.42
CA CYS A 143 2.58 4.64 24.18
C CYS A 143 2.52 3.34 23.37
N LEU A 144 2.21 3.41 22.07
CA LEU A 144 2.02 2.19 21.28
C LEU A 144 3.31 1.59 20.72
N SER A 145 3.28 0.29 20.47
CA SER A 145 4.32 -0.37 19.67
C SER A 145 4.25 0.12 18.20
N PHE A 146 5.34 -0.06 17.46
CA PHE A 146 5.44 0.34 16.05
C PHE A 146 4.25 -0.27 15.30
N GLY A 147 4.08 -1.58 15.44
CA GLY A 147 2.98 -2.31 14.82
C GLY A 147 1.61 -1.77 15.13
N GLN A 148 1.35 -1.42 16.39
CA GLN A 148 0.09 -0.77 16.77
C GLN A 148 -0.06 0.60 16.11
N LYS A 149 0.98 1.42 16.20
CA LYS A 149 1.01 2.71 15.57
C LYS A 149 0.62 2.58 14.10
N LYS A 150 1.16 1.58 13.40
CA LYS A 150 0.92 1.47 11.96
C LYS A 150 -0.56 1.17 11.72
N ARG A 151 -1.14 0.33 12.56
CA ARG A 151 -2.57 0.06 12.53
CA ARG A 151 -2.58 0.07 12.56
C ARG A 151 -3.41 1.34 12.79
N VAL A 152 -2.91 2.24 13.62
CA VAL A 152 -3.57 3.52 13.89
C VAL A 152 -3.49 4.42 12.66
N ALA A 153 -2.34 4.39 11.98
CA ALA A 153 -2.17 5.13 10.72
C ALA A 153 -3.18 4.64 9.70
N ILE A 154 -3.27 3.31 9.56
CA ILE A 154 -4.15 2.74 8.54
C ILE A 154 -5.58 3.15 8.86
N ALA A 155 -6.00 2.93 10.11
CA ALA A 155 -7.34 3.28 10.57
C ALA A 155 -7.71 4.74 10.30
N GLY A 156 -6.73 5.64 10.47
CA GLY A 156 -6.98 7.08 10.27
C GLY A 156 -7.33 7.33 8.81
N VAL A 157 -6.70 6.54 7.92
CA VAL A 157 -6.92 6.63 6.50
C VAL A 157 -8.23 5.93 6.08
N LEU A 158 -8.54 4.77 6.65
CA LEU A 158 -9.84 4.15 6.34
C LEU A 158 -11.05 5.06 6.56
N VAL A 159 -11.00 5.86 7.63
CA VAL A 159 -12.06 6.84 7.97
C VAL A 159 -12.56 7.68 6.76
N MET A 160 -11.70 8.01 5.81
CA MET A 160 -12.10 8.83 4.67
C MET A 160 -12.70 7.96 3.57
N GLU A 161 -12.69 6.65 3.81
CA GLU A 161 -13.19 5.67 2.83
C GLU A 161 -12.52 5.86 1.45
N PRO A 162 -11.17 5.81 1.41
CA PRO A 162 -10.51 5.87 0.12
C PRO A 162 -10.83 4.64 -0.70
N LYS A 163 -10.61 4.72 -2.01
CA LYS A 163 -10.70 3.60 -2.91
C LYS A 163 -9.42 2.76 -2.96
N VAL A 164 -8.27 3.41 -2.79
CA VAL A 164 -6.95 2.75 -2.79
C VAL A 164 -6.19 3.01 -1.49
N LEU A 165 -5.51 1.98 -1.00
CA LEU A 165 -4.59 2.07 0.13
C LEU A 165 -3.23 1.75 -0.43
N ILE A 166 -2.30 2.67 -0.21
CA ILE A 166 -0.93 2.55 -0.69
C ILE A 166 -0.03 2.52 0.54
N LEU A 167 0.75 1.45 0.65
CA LEU A 167 1.66 1.31 1.76
C LEU A 167 3.08 1.35 1.26
N ASP A 168 3.84 2.22 1.90
CA ASP A 168 5.24 2.40 1.63
C ASP A 168 5.98 1.49 2.57
N GLU A 169 6.62 0.49 1.97
CA GLU A 169 7.43 -0.49 2.68
C GLU A 169 6.80 -0.96 4.01
N PRO A 170 5.71 -1.72 3.94
CA PRO A 170 5.01 -2.15 5.16
C PRO A 170 5.74 -3.18 6.02
N THR A 171 6.96 -3.56 5.65
CA THR A 171 7.75 -4.49 6.45
C THR A 171 8.69 -3.75 7.43
N ALA A 172 8.77 -2.43 7.31
CA ALA A 172 9.68 -1.62 8.09
C ALA A 172 9.33 -1.74 9.59
N GLY A 173 10.35 -1.94 10.42
CA GLY A 173 10.20 -2.07 11.87
C GLY A 173 9.60 -3.40 12.36
N LEU A 174 9.54 -4.39 11.48
CA LEU A 174 8.82 -5.64 11.79
C LEU A 174 9.58 -6.90 11.45
N ASP A 175 9.57 -7.83 12.40
CA ASP A 175 10.03 -9.21 12.24
C ASP A 175 9.11 -9.92 11.23
N PRO A 176 9.54 -11.07 10.69
CA PRO A 176 8.77 -11.70 9.61
C PRO A 176 7.33 -12.06 10.01
N MET A 177 7.14 -12.50 11.25
CA MET A 177 5.81 -12.81 11.77
C MET A 177 5.00 -11.51 11.98
N GLY A 178 5.69 -10.45 12.38
CA GLY A 178 5.13 -9.11 12.33
C GLY A 178 4.63 -8.77 10.93
N VAL A 179 5.44 -9.09 9.92
CA VAL A 179 5.06 -8.77 8.55
C VAL A 179 3.80 -9.54 8.17
N SER A 180 3.77 -10.85 8.44
CA SER A 180 2.64 -11.64 8.02
C SER A 180 1.36 -11.21 8.74
N GLU A 181 1.48 -10.81 10.01
N GLU A 181 1.46 -10.80 9.99
CA GLU A 181 0.37 -10.24 10.78
CA GLU A 181 0.28 -10.30 10.69
C GLU A 181 -0.25 -9.09 9.98
C GLU A 181 -0.29 -9.06 9.99
N ILE A 182 0.55 -8.06 9.71
CA ILE A 182 0.08 -6.88 8.98
C ILE A 182 -0.48 -7.23 7.57
N MET A 183 0.17 -8.15 6.85
CA MET A 183 -0.30 -8.58 5.53
C MET A 183 -1.68 -9.28 5.58
N LYS A 184 -1.85 -10.14 6.57
CA LYS A 184 -3.09 -10.87 6.72
C LYS A 184 -4.21 -9.89 7.17
N LEU A 185 -3.86 -8.89 7.96
CA LEU A 185 -4.80 -7.86 8.32
C LEU A 185 -5.31 -7.12 7.04
N LEU A 186 -4.40 -6.83 6.11
CA LEU A 186 -4.70 -6.13 4.88
C LEU A 186 -5.54 -6.98 3.94
N VAL A 187 -5.30 -8.30 3.95
CA VAL A 187 -6.04 -9.21 3.07
C VAL A 187 -7.49 -9.26 3.59
N GLU A 188 -7.61 -9.42 4.91
CA GLU A 188 -8.91 -9.39 5.55
C GLU A 188 -9.71 -8.10 5.29
N MET A 189 -9.09 -6.92 5.46
CA MET A 189 -9.86 -5.66 5.28
C MET A 189 -10.33 -5.44 3.84
N GLN A 190 -9.61 -6.01 2.88
CA GLN A 190 -10.02 -5.97 1.52
C GLN A 190 -11.27 -6.85 1.29
N LYS A 191 -11.34 -8.00 1.97
CA LYS A 191 -12.51 -8.86 1.93
C LYS A 191 -13.71 -8.15 2.47
N GLU A 192 -13.54 -7.34 3.49
CA GLU A 192 -14.70 -6.66 4.06
C GLU A 192 -15.01 -5.28 3.46
N LEU A 193 -14.01 -4.65 2.85
CA LEU A 193 -14.14 -3.28 2.36
C LEU A 193 -14.05 -3.16 0.84
N GLY A 194 -13.41 -4.11 0.17
CA GLY A 194 -13.26 -4.03 -1.30
C GLY A 194 -12.19 -3.03 -1.73
N ILE A 195 -11.53 -2.41 -0.75
CA ILE A 195 -10.43 -1.47 -0.97
C ILE A 195 -9.28 -2.17 -1.73
N THR A 196 -8.69 -1.45 -2.69
CA THR A 196 -7.56 -1.95 -3.48
C THR A 196 -6.27 -1.65 -2.70
N ILE A 197 -5.33 -2.57 -2.69
CA ILE A 197 -4.10 -2.41 -1.92
C ILE A 197 -2.90 -2.39 -2.82
N ILE A 198 -2.14 -1.32 -2.73
CA ILE A 198 -0.89 -1.19 -3.47
C ILE A 198 0.29 -0.98 -2.53
N ILE A 199 1.24 -1.90 -2.65
CA ILE A 199 2.38 -1.97 -1.77
C ILE A 199 3.69 -1.71 -2.53
N ALA A 200 4.56 -0.91 -1.95
CA ALA A 200 5.93 -0.67 -2.42
C ALA A 200 6.82 -1.34 -1.42
N THR A 201 7.61 -2.27 -1.90
CA THR A 201 8.48 -3.01 -0.99
C THR A 201 9.70 -3.58 -1.67
N HIS A 202 10.74 -3.81 -0.87
CA HIS A 202 11.88 -4.55 -1.37
C HIS A 202 11.85 -5.98 -0.90
N ASP A 203 10.82 -6.36 -0.14
CA ASP A 203 10.75 -7.71 0.44
C ASP A 203 10.12 -8.66 -0.55
N ILE A 204 10.86 -9.69 -0.93
CA ILE A 204 10.40 -10.59 -1.96
C ILE A 204 10.10 -11.96 -1.38
N ASP A 205 10.24 -12.08 -0.07
CA ASP A 205 10.07 -13.37 0.62
C ASP A 205 8.68 -13.58 1.21
N ILE A 206 8.21 -12.62 2.01
CA ILE A 206 6.90 -12.73 2.65
C ILE A 206 5.83 -11.97 1.90
N VAL A 207 6.04 -10.67 1.69
CA VAL A 207 5.05 -9.82 1.00
C VAL A 207 4.35 -10.47 -0.23
N PRO A 208 5.11 -11.07 -1.16
CA PRO A 208 4.47 -11.68 -2.34
C PRO A 208 3.53 -12.89 -2.10
N LEU A 209 3.63 -13.55 -0.96
CA LEU A 209 2.73 -14.68 -0.67
C LEU A 209 1.32 -14.20 -0.37
N TYR A 210 1.21 -12.90 -0.14
CA TYR A 210 -0.06 -12.27 0.13
C TYR A 210 -0.62 -11.46 -1.08
N CYS A 211 0.09 -11.51 -2.21
CA CYS A 211 -0.26 -10.68 -3.37
C CYS A 211 -0.92 -11.47 -4.49
N ASP A 212 -1.82 -10.81 -5.22
CA ASP A 212 -2.40 -11.41 -6.43
C ASP A 212 -1.57 -11.11 -7.67
N ASN A 213 -0.80 -10.05 -7.60
CA ASN A 213 -0.12 -9.52 -8.75
C ASN A 213 1.09 -8.77 -8.25
N VAL A 214 2.11 -8.68 -9.08
CA VAL A 214 3.40 -8.16 -8.67
C VAL A 214 4.14 -7.54 -9.87
N PHE A 215 4.77 -6.40 -9.65
CA PHE A 215 5.60 -5.78 -10.67
C PHE A 215 7.02 -5.62 -10.14
N VAL A 216 8.00 -6.12 -10.91
CA VAL A 216 9.41 -5.97 -10.51
C VAL A 216 10.02 -4.87 -11.33
N MET A 217 10.56 -3.88 -10.62
CA MET A 217 11.15 -2.72 -11.26
C MET A 217 12.69 -2.73 -11.20
N LYS A 218 13.33 -2.23 -12.24
CA LYS A 218 14.78 -2.00 -12.28
C LYS A 218 15.11 -0.79 -13.13
N GLU A 219 15.85 0.13 -12.52
CA GLU A 219 16.25 1.38 -13.16
C GLU A 219 15.09 2.05 -13.89
N GLY A 220 13.99 2.20 -13.14
CA GLY A 220 12.81 2.90 -13.62
C GLY A 220 12.07 2.23 -14.77
N ARG A 221 12.25 0.92 -14.93
CA ARG A 221 11.46 0.10 -15.88
C ARG A 221 10.87 -1.09 -15.15
N VAL A 222 9.72 -1.57 -15.60
CA VAL A 222 9.24 -2.90 -15.20
C VAL A 222 10.02 -3.92 -16.00
N ILE A 223 10.50 -4.97 -15.33
CA ILE A 223 11.28 -6.03 -15.98
C ILE A 223 10.63 -7.42 -15.84
N LEU A 224 9.73 -7.55 -14.87
CA LEU A 224 8.94 -8.77 -14.67
C LEU A 224 7.59 -8.40 -14.10
N GLN A 225 6.57 -9.22 -14.37
CA GLN A 225 5.25 -8.98 -13.82
C GLN A 225 4.37 -10.19 -13.88
N GLY A 226 3.39 -10.24 -12.98
CA GLY A 226 2.30 -11.20 -13.03
C GLY A 226 1.96 -11.72 -11.64
N ASN A 227 1.34 -12.89 -11.65
CA ASN A 227 1.10 -13.69 -10.47
C ASN A 227 2.42 -14.07 -9.80
N PRO A 228 2.59 -13.74 -8.52
CA PRO A 228 3.78 -14.08 -7.75
C PRO A 228 4.10 -15.56 -7.70
N LYS A 229 3.08 -16.43 -7.79
CA LYS A 229 3.29 -17.89 -7.78
C LYS A 229 4.12 -18.26 -9.00
N GLU A 230 3.87 -17.54 -10.10
CA GLU A 230 4.55 -17.75 -11.38
C GLU A 230 5.86 -16.99 -11.46
N VAL A 231 5.91 -15.79 -10.91
CA VAL A 231 7.11 -14.97 -10.96
C VAL A 231 8.19 -15.56 -10.05
N PHE A 232 7.78 -16.02 -8.88
CA PHE A 232 8.70 -16.59 -7.94
C PHE A 232 8.51 -18.09 -7.88
N ALA A 233 8.19 -18.69 -9.04
CA ALA A 233 7.92 -20.13 -9.15
C ALA A 233 8.99 -20.96 -8.49
N GLU A 234 10.25 -20.54 -8.65
CA GLU A 234 11.37 -21.31 -8.14
C GLU A 234 11.54 -21.24 -6.64
N LYS A 235 11.45 -20.03 -6.08
CA LYS A 235 11.41 -19.82 -4.61
C LYS A 235 10.26 -20.58 -3.96
N GLU A 236 9.13 -20.62 -4.65
CA GLU A 236 7.92 -21.30 -4.18
C GLU A 236 8.09 -22.85 -4.09
N VAL A 237 8.74 -23.46 -5.10
CA VAL A 237 9.14 -24.89 -5.04
C VAL A 237 9.99 -25.17 -3.80
N ILE A 238 10.97 -24.31 -3.56
CA ILE A 238 11.90 -24.45 -2.44
C ILE A 238 11.16 -24.35 -1.13
N ARG A 239 10.27 -23.36 -1.04
CA ARG A 239 9.48 -23.15 0.16
C ARG A 239 8.71 -24.40 0.52
N LYS A 240 8.07 -25.01 -0.46
CA LYS A 240 7.27 -26.21 -0.21
C LYS A 240 8.14 -27.43 0.15
N VAL A 241 9.39 -27.44 -0.30
CA VAL A 241 10.25 -28.56 0.00
C VAL A 241 10.68 -28.48 1.45
N ASN A 242 11.09 -27.30 1.89
CA ASN A 242 11.41 -27.09 3.31
C ASN A 242 10.27 -27.55 4.20
N LEU A 243 9.05 -27.37 3.72
CA LEU A 243 7.86 -27.63 4.48
C LEU A 243 7.72 -29.12 4.77
N ARG A 244 8.13 -29.93 3.80
CA ARG A 244 8.02 -31.38 3.90
C ARG A 244 9.31 -32.09 4.28
N LEU A 245 10.40 -31.77 3.58
CA LEU A 245 11.70 -32.34 3.91
C LEU A 245 12.70 -31.26 4.22
N PRO A 246 12.75 -30.83 5.50
CA PRO A 246 13.60 -29.72 5.94
C PRO A 246 15.03 -29.73 5.34
N ARG A 247 15.70 -30.88 5.33
CA ARG A 247 17.13 -30.94 4.97
C ARG A 247 17.41 -30.93 3.46
N ILE A 248 16.50 -31.49 2.66
CA ILE A 248 16.62 -31.49 1.19
C ILE A 248 16.49 -30.08 0.57
N GLY A 249 15.67 -29.23 1.18
CA GLY A 249 15.48 -27.85 0.74
C GLY A 249 16.68 -26.95 0.91
N HIS A 250 17.56 -27.30 1.86
CA HIS A 250 18.80 -26.55 2.13
C HIS A 250 19.95 -26.98 1.21
N LEU A 251 19.86 -28.21 0.68
CA LEU A 251 20.74 -28.69 -0.40
C LEU A 251 20.34 -28.08 -1.76
N MET A 252 19.09 -27.62 -1.87
CA MET A 252 18.59 -26.89 -3.05
C MET A 252 18.93 -25.39 -2.98
N GLU A 253 19.26 -24.92 -1.78
CA GLU A 253 19.79 -23.56 -1.58
C GLU A 253 21.32 -23.57 -1.65
N ILE A 254 21.89 -24.77 -1.47
CA ILE A 254 23.33 -25.04 -1.65
C ILE A 254 23.70 -25.14 -3.13
S SO4 B . 12.92 3.81 -4.84
O1 SO4 B . 13.31 4.65 -5.96
O2 SO4 B . 11.80 4.43 -4.12
O3 SO4 B . 12.59 2.49 -5.30
O4 SO4 B . 14.03 3.74 -3.88
#